data_8AYA
#
_entry.id   8AYA
#
_cell.length_a   43.340
_cell.length_b   62.942
_cell.length_c   187.855
_cell.angle_alpha   90.000
_cell.angle_beta   90.000
_cell.angle_gamma   90.000
#
_symmetry.space_group_name_H-M   'P 21 21 21'
#
loop_
_entity.id
_entity.type
_entity.pdbx_description
1 polymer 'Abscisic acid receptor PYL1'
2 polymer 'Protein phosphatase 2C 16'
3 non-polymer Quinabactin
4 non-polymer GLYCEROL
5 non-polymer 'MANGANESE (II) ION'
6 non-polymer 'CHLORIDE ION'
7 water water
#
loop_
_entity_poly.entity_id
_entity_poly.type
_entity_poly.pdbx_seq_one_letter_code
_entity_poly.pdbx_strand_id
1 'polypeptide(L)'
;MNNNKAEADTSSSMADPETRPTYTTHHLAIPSGVTQDEFDELKQSVVEFHTYQLSQAQCSSLLAQRIRAPNDVVWSIVRR
FDQPQTYKHFIKSCSVSDNFTMAVGSTRDVNVISGLPAATSTERLDILDDDRQVTGFSIIGGEHRLRNYRSVTSVHGFNR
DGAICTVVLESYVVDVPEGNTEEDTRLFADTVVKLNLQKLVSVAESQVI
;
A
2 'polypeptide(L)'
;RSVYELDCIPLWGVVSIQGNRSEMEDAFAVSPHFLKLPIKMLMGDHEGMSPSATHLTGHFFGVYDGHGGHKVADYCRDRL
HFALAEEIERIKDELCKRNTGEGRQVQWDKVFTSCFLTVDGEIEGKIGRAVVGSSDKVLEAVASETVGSTAVVALVCSSH
IVVSNCGDSRAVLFRGKEAMPLSVDHKPDREDEYARIENAGGKVIQWQGARVFGVLAMSRSIGDRYLKPYVIPEPEVTFM
PRSREDECLILASDGLWDVMNNQEVCEIARRRILMWHKKNGAPPLAERGKGIDPACQAAADYLSMLALQKGSKDNISIIV
IDLKAQRKFKTRT
;
B
#
# COMPACT_ATOMS: atom_id res chain seq x y z
N PRO A 21 -31.35 -10.72 -27.93
CA PRO A 21 -30.32 -10.63 -26.87
C PRO A 21 -28.94 -11.05 -27.34
N THR A 22 -27.92 -10.37 -26.83
CA THR A 22 -26.53 -10.61 -27.18
C THR A 22 -25.86 -11.45 -26.11
N TYR A 23 -24.95 -12.32 -26.53
CA TYR A 23 -24.24 -13.21 -25.63
C TYR A 23 -22.74 -13.03 -25.74
N THR A 24 -22.04 -13.34 -24.66
CA THR A 24 -20.58 -13.40 -24.75
C THR A 24 -20.17 -14.52 -25.68
N THR A 25 -18.93 -14.46 -26.16
CA THR A 25 -18.38 -15.46 -27.06
C THR A 25 -16.97 -15.84 -26.63
N HIS A 26 -16.81 -16.15 -25.34
CA HIS A 26 -15.49 -16.53 -24.86
C HIS A 26 -15.01 -17.86 -25.43
N HIS A 27 -15.90 -18.64 -26.05
CA HIS A 27 -15.49 -19.91 -26.65
C HIS A 27 -14.71 -19.74 -27.95
N LEU A 28 -14.62 -18.52 -28.50
CA LEU A 28 -13.97 -18.29 -29.78
C LEU A 28 -12.46 -18.09 -29.67
N ALA A 29 -11.90 -17.96 -28.47
CA ALA A 29 -10.48 -17.71 -28.31
C ALA A 29 -9.93 -18.55 -27.16
N ILE A 30 -8.80 -19.21 -27.39
CA ILE A 30 -8.10 -19.96 -26.36
C ILE A 30 -7.61 -18.98 -25.29
N PRO A 31 -8.01 -19.13 -24.04
CA PRO A 31 -7.51 -18.21 -23.01
C PRO A 31 -6.04 -18.48 -22.71
N SER A 32 -5.34 -17.43 -22.30
CA SER A 32 -3.94 -17.56 -21.96
C SER A 32 -3.76 -18.63 -20.89
N GLY A 33 -2.73 -19.46 -21.06
CA GLY A 33 -2.40 -20.49 -20.10
C GLY A 33 -2.96 -21.86 -20.43
N VAL A 34 -3.76 -21.99 -21.49
CA VAL A 34 -4.35 -23.27 -21.89
C VAL A 34 -3.76 -23.68 -23.24
N THR A 35 -3.55 -24.98 -23.42
CA THR A 35 -3.08 -25.51 -24.70
C THR A 35 -4.26 -25.78 -25.63
N GLN A 36 -3.97 -25.85 -26.93
CA GLN A 36 -5.02 -26.08 -27.90
C GLN A 36 -5.72 -27.41 -27.63
N ASP A 37 -4.96 -28.45 -27.27
CA ASP A 37 -5.56 -29.74 -26.95
C ASP A 37 -6.46 -29.64 -25.72
N GLU A 38 -5.99 -28.98 -24.66
CA GLU A 38 -6.85 -28.77 -23.50
C GLU A 38 -8.12 -28.02 -23.88
N PHE A 39 -7.99 -27.00 -24.73
CA PHE A 39 -9.14 -26.20 -25.09
C PHE A 39 -10.15 -26.97 -25.95
N ASP A 40 -9.70 -28.01 -26.65
CA ASP A 40 -10.64 -28.86 -27.38
C ASP A 40 -11.71 -29.40 -26.45
N GLU A 41 -11.35 -29.67 -25.19
CA GLU A 41 -12.31 -30.11 -24.18
C GLU A 41 -12.93 -28.92 -23.45
N LEU A 42 -12.10 -27.96 -23.03
CA LEU A 42 -12.59 -26.86 -22.21
C LEU A 42 -13.60 -26.00 -22.95
N LYS A 43 -13.48 -25.88 -24.27
CA LYS A 43 -14.37 -25.00 -25.01
C LYS A 43 -15.83 -25.40 -24.83
N GLN A 44 -16.10 -26.71 -24.68
CA GLN A 44 -17.45 -27.17 -24.39
C GLN A 44 -17.94 -26.61 -23.06
N SER A 45 -17.04 -26.51 -22.08
CA SER A 45 -17.41 -25.99 -20.77
C SER A 45 -17.58 -24.48 -20.78
N VAL A 46 -16.82 -23.77 -21.63
CA VAL A 46 -17.04 -22.34 -21.79
C VAL A 46 -18.46 -22.10 -22.27
N VAL A 47 -18.88 -22.84 -23.29
CA VAL A 47 -20.24 -22.73 -23.79
C VAL A 47 -21.24 -22.99 -22.67
N GLU A 48 -20.98 -24.01 -21.86
CA GLU A 48 -21.99 -24.45 -20.91
C GLU A 48 -22.08 -23.54 -19.69
N PHE A 49 -20.94 -23.11 -19.17
CA PHE A 49 -20.88 -22.44 -17.87
C PHE A 49 -20.49 -20.97 -17.92
N HIS A 50 -19.82 -20.54 -18.98
CA HIS A 50 -19.17 -19.24 -19.02
C HIS A 50 -19.71 -18.39 -20.18
N THR A 51 -20.99 -18.56 -20.50
CA THR A 51 -21.68 -17.74 -21.47
C THR A 51 -22.70 -16.87 -20.74
N TYR A 52 -22.61 -15.57 -20.96
CA TYR A 52 -23.51 -14.61 -20.33
C TYR A 52 -24.31 -13.87 -21.39
N GLN A 53 -25.56 -13.57 -21.05
CA GLN A 53 -26.35 -12.62 -21.80
C GLN A 53 -25.92 -11.21 -21.43
N LEU A 54 -25.59 -10.40 -22.43
CA LEU A 54 -25.06 -9.06 -22.17
C LEU A 54 -26.18 -8.03 -22.18
N SER A 55 -26.10 -7.09 -21.24
CA SER A 55 -26.94 -5.91 -21.26
C SER A 55 -26.09 -4.72 -21.73
N GLN A 56 -26.73 -3.56 -21.83
CA GLN A 56 -26.01 -2.38 -22.30
C GLN A 56 -24.89 -2.00 -21.33
N ALA A 57 -23.76 -1.56 -21.89
CA ALA A 57 -22.66 -1.01 -21.10
C ALA A 57 -22.11 -2.02 -20.10
N GLN A 58 -21.99 -3.27 -20.53
CA GLN A 58 -21.38 -4.32 -19.73
C GLN A 58 -20.12 -4.84 -20.39
N CYS A 59 -19.28 -5.50 -19.60
CA CYS A 59 -18.09 -6.13 -20.14
C CYS A 59 -17.89 -7.46 -19.44
N SER A 60 -17.13 -8.33 -20.10
CA SER A 60 -17.03 -9.72 -19.67
C SER A 60 -15.67 -10.25 -20.08
N SER A 61 -15.12 -11.16 -19.27
CA SER A 61 -13.84 -11.76 -19.56
C SER A 61 -13.83 -13.21 -19.10
N LEU A 62 -12.92 -13.99 -19.68
CA LEU A 62 -12.68 -15.37 -19.28
C LEU A 62 -11.19 -15.55 -19.00
N LEU A 63 -10.86 -16.06 -17.81
CA LEU A 63 -9.49 -16.29 -17.40
C LEU A 63 -9.30 -17.76 -17.05
N ALA A 64 -8.06 -18.26 -17.17
CA ALA A 64 -7.77 -19.66 -16.91
C ALA A 64 -6.47 -19.77 -16.14
N GLN A 65 -6.37 -20.83 -15.34
CA GLN A 65 -5.18 -21.04 -14.53
C GLN A 65 -4.94 -22.54 -14.37
N ARG A 66 -3.74 -22.99 -14.73
CA ARG A 66 -3.33 -24.37 -14.50
C ARG A 66 -2.81 -24.55 -13.08
N ILE A 67 -3.20 -25.65 -12.45
CA ILE A 67 -2.79 -25.97 -11.08
C ILE A 67 -2.27 -27.40 -11.04
N ARG A 68 -1.12 -27.60 -10.39
CA ARG A 68 -0.52 -28.93 -10.25
C ARG A 68 -1.10 -29.60 -9.00
N ALA A 69 -2.39 -29.93 -9.09
CA ALA A 69 -3.13 -30.56 -8.01
C ALA A 69 -4.32 -31.29 -8.62
N PRO A 70 -4.82 -32.34 -7.98
CA PRO A 70 -6.02 -33.01 -8.47
C PRO A 70 -7.23 -32.09 -8.38
N ASN A 71 -8.17 -32.26 -9.32
CA ASN A 71 -9.32 -31.36 -9.35
C ASN A 71 -10.16 -31.46 -8.09
N ASP A 72 -10.14 -32.61 -7.40
CA ASP A 72 -10.91 -32.74 -6.17
C ASP A 72 -10.37 -31.82 -5.08
N VAL A 73 -9.05 -31.63 -5.04
CA VAL A 73 -8.44 -30.75 -4.04
C VAL A 73 -8.75 -29.30 -4.37
N VAL A 74 -8.63 -28.93 -5.63
CA VAL A 74 -8.96 -27.56 -6.03
C VAL A 74 -10.42 -27.27 -5.76
N TRP A 75 -11.30 -28.22 -6.07
CA TRP A 75 -12.72 -28.00 -5.84
C TRP A 75 -13.01 -27.83 -4.36
N SER A 76 -12.36 -28.62 -3.50
CA SER A 76 -12.61 -28.49 -2.07
C SER A 76 -12.26 -27.11 -1.56
N ILE A 77 -11.35 -26.41 -2.23
CA ILE A 77 -11.00 -25.05 -1.81
C ILE A 77 -12.01 -24.04 -2.33
N VAL A 78 -12.24 -24.02 -3.65
CA VAL A 78 -13.05 -22.95 -4.23
C VAL A 78 -14.53 -23.07 -3.92
N ARG A 79 -15.00 -24.22 -3.42
CA ARG A 79 -16.41 -24.36 -3.06
C ARG A 79 -16.74 -23.68 -1.74
N ARG A 80 -15.74 -23.22 -0.99
CA ARG A 80 -15.97 -22.66 0.35
C ARG A 80 -16.41 -21.21 0.25
N PHE A 81 -17.70 -21.02 -0.07
CA PHE A 81 -18.28 -19.69 -0.20
C PHE A 81 -18.12 -18.87 1.08
N ASP A 82 -18.08 -19.52 2.23
CA ASP A 82 -17.99 -18.80 3.50
C ASP A 82 -16.56 -18.40 3.84
N GLN A 83 -15.57 -18.77 3.05
CA GLN A 83 -14.17 -18.50 3.40
C GLN A 83 -13.38 -18.02 2.19
N PRO A 84 -13.84 -16.98 1.47
CA PRO A 84 -13.09 -16.54 0.29
C PRO A 84 -11.67 -16.12 0.60
N GLN A 85 -11.40 -15.65 1.82
CA GLN A 85 -10.07 -15.17 2.17
C GLN A 85 -9.03 -16.28 2.19
N THR A 86 -9.45 -17.55 2.19
CA THR A 86 -8.47 -18.63 2.15
C THR A 86 -7.85 -18.79 0.77
N TYR A 87 -8.46 -18.25 -0.28
CA TYR A 87 -7.88 -18.39 -1.62
C TYR A 87 -8.05 -17.15 -2.48
N LYS A 88 -8.46 -16.01 -1.92
CA LYS A 88 -8.56 -14.76 -2.67
C LYS A 88 -7.86 -13.66 -1.89
N HIS A 89 -7.42 -12.64 -2.62
CA HIS A 89 -6.78 -11.47 -2.02
C HIS A 89 -7.80 -10.40 -1.63
N PHE A 90 -7.31 -9.42 -0.86
CA PHE A 90 -7.97 -8.14 -0.61
C PHE A 90 -9.05 -8.18 0.48
N ILE A 91 -9.27 -9.31 1.15
CA ILE A 91 -10.37 -9.46 2.09
C ILE A 91 -9.85 -9.25 3.50
N LYS A 92 -10.41 -8.25 4.20
CA LYS A 92 -10.05 -8.08 5.60
C LYS A 92 -10.85 -9.03 6.49
N SER A 93 -12.15 -9.12 6.24
CA SER A 93 -13.02 -10.04 6.97
C SER A 93 -14.20 -10.42 6.10
N CYS A 94 -14.77 -11.59 6.41
CA CYS A 94 -15.94 -12.12 5.72
C CYS A 94 -16.87 -12.71 6.76
N SER A 95 -18.11 -12.23 6.82
CA SER A 95 -19.06 -12.78 7.78
C SER A 95 -20.26 -13.39 7.07
N VAL A 96 -20.76 -14.47 7.66
CA VAL A 96 -21.98 -15.13 7.22
C VAL A 96 -22.89 -15.27 8.44
N SER A 97 -24.16 -15.55 8.17
CA SER A 97 -25.14 -15.70 9.22
C SER A 97 -24.75 -16.84 10.16
N ASP A 98 -25.24 -16.74 11.41
CA ASP A 98 -25.14 -17.87 12.32
C ASP A 98 -25.85 -19.10 11.75
N ASN A 99 -26.95 -18.87 11.04
CA ASN A 99 -27.76 -19.93 10.44
C ASN A 99 -27.23 -20.39 9.08
N PHE A 100 -25.97 -20.10 8.77
CA PHE A 100 -25.44 -20.34 7.44
C PHE A 100 -25.33 -21.84 7.16
N THR A 101 -25.77 -22.25 5.97
CA THR A 101 -25.71 -23.65 5.58
C THR A 101 -25.05 -23.87 4.22
N MET A 102 -24.70 -22.80 3.51
CA MET A 102 -24.09 -22.84 2.19
C MET A 102 -25.02 -23.40 1.11
N ALA A 103 -26.32 -23.20 1.26
CA ALA A 103 -27.22 -23.43 0.15
C ALA A 103 -27.13 -22.28 -0.85
N VAL A 104 -27.54 -22.57 -2.08
CA VAL A 104 -27.66 -21.49 -3.07
C VAL A 104 -28.62 -20.45 -2.53
N GLY A 105 -28.22 -19.18 -2.59
CA GLY A 105 -28.99 -18.10 -2.00
C GLY A 105 -28.41 -17.59 -0.70
N SER A 106 -27.41 -18.28 -0.15
CA SER A 106 -26.65 -17.73 0.96
C SER A 106 -25.94 -16.46 0.54
N THR A 107 -25.73 -15.58 1.52
CA THR A 107 -24.97 -14.35 1.29
C THR A 107 -23.80 -14.30 2.25
N ARG A 108 -22.84 -13.45 1.89
CA ARG A 108 -21.70 -13.16 2.73
C ARG A 108 -21.42 -11.67 2.63
N ASP A 109 -20.89 -11.11 3.70
CA ASP A 109 -20.54 -9.70 3.74
C ASP A 109 -19.04 -9.58 3.90
N VAL A 110 -18.39 -8.97 2.92
CA VAL A 110 -16.95 -8.86 2.83
C VAL A 110 -16.55 -7.41 3.16
N ASN A 111 -15.59 -7.25 4.06
CA ASN A 111 -14.90 -5.98 4.28
C ASN A 111 -13.54 -6.08 3.60
N VAL A 112 -13.21 -5.15 2.72
CA VAL A 112 -11.95 -5.26 2.00
C VAL A 112 -10.86 -4.54 2.78
N ILE A 113 -9.61 -4.80 2.43
CA ILE A 113 -8.49 -4.17 3.12
C ILE A 113 -8.41 -2.70 2.67
N SER A 114 -7.67 -1.89 3.42
CA SER A 114 -7.60 -0.47 3.13
C SER A 114 -6.81 -0.19 1.85
N GLY A 115 -7.00 1.02 1.32
CA GLY A 115 -6.21 1.49 0.20
C GLY A 115 -6.70 1.07 -1.17
N LEU A 116 -7.94 0.60 -1.27
CA LEU A 116 -8.49 0.10 -2.52
C LEU A 116 -9.66 0.97 -2.96
N PRO A 117 -10.09 0.83 -4.23
CA PRO A 117 -11.31 1.53 -4.69
C PRO A 117 -12.59 0.78 -4.30
N ALA A 118 -12.67 0.39 -3.04
CA ALA A 118 -13.77 -0.39 -2.52
C ALA A 118 -13.65 -0.41 -1.00
N ALA A 119 -14.76 -0.66 -0.35
CA ALA A 119 -14.80 -0.79 1.10
C ALA A 119 -15.50 -2.05 1.54
N THR A 120 -16.64 -2.38 0.93
CA THR A 120 -17.45 -3.51 1.36
C THR A 120 -18.10 -4.13 0.13
N SER A 121 -18.50 -5.39 0.29
CA SER A 121 -19.21 -6.09 -0.77
C SER A 121 -20.15 -7.11 -0.14
N THR A 122 -21.39 -7.14 -0.62
CA THR A 122 -22.37 -8.15 -0.26
C THR A 122 -22.57 -9.06 -1.47
N GLU A 123 -22.40 -10.36 -1.27
CA GLU A 123 -22.38 -11.30 -2.37
C GLU A 123 -23.31 -12.47 -2.09
N ARG A 124 -23.87 -13.03 -3.16
CA ARG A 124 -24.89 -14.07 -3.05
C ARG A 124 -24.42 -15.28 -3.86
N LEU A 125 -24.52 -16.44 -3.25
CA LEU A 125 -24.12 -17.70 -3.89
C LEU A 125 -25.17 -18.11 -4.90
N ASP A 126 -24.80 -18.16 -6.19
CA ASP A 126 -25.72 -18.46 -7.28
C ASP A 126 -25.66 -19.92 -7.73
N ILE A 127 -24.48 -20.52 -7.73
CA ILE A 127 -24.29 -21.88 -8.20
C ILE A 127 -23.40 -22.59 -7.21
N LEU A 128 -23.76 -23.82 -6.85
CA LEU A 128 -22.86 -24.67 -6.07
C LEU A 128 -23.19 -26.11 -6.47
N ASP A 129 -22.49 -26.58 -7.49
CA ASP A 129 -22.80 -27.88 -8.10
C ASP A 129 -21.60 -28.79 -7.85
N ASP A 130 -21.66 -29.58 -6.79
CA ASP A 130 -20.58 -30.50 -6.51
C ASP A 130 -20.45 -31.60 -7.56
N ASP A 131 -21.52 -31.88 -8.32
CA ASP A 131 -21.46 -32.92 -9.34
C ASP A 131 -20.68 -32.50 -10.59
N ARG A 132 -20.69 -31.21 -10.92
CA ARG A 132 -19.93 -30.71 -12.07
C ARG A 132 -18.75 -29.84 -11.63
N GLN A 133 -18.62 -29.57 -10.34
CA GLN A 133 -17.55 -28.74 -9.79
C GLN A 133 -17.55 -27.35 -10.42
N VAL A 134 -18.70 -26.68 -10.27
CA VAL A 134 -18.91 -25.33 -10.76
C VAL A 134 -19.55 -24.52 -9.65
N THR A 135 -19.07 -23.29 -9.45
CA THR A 135 -19.69 -22.41 -8.48
C THR A 135 -19.76 -21.00 -9.07
N GLY A 136 -20.56 -20.15 -8.46
CA GLY A 136 -20.68 -18.80 -8.97
C GLY A 136 -21.42 -17.92 -7.98
N PHE A 137 -21.19 -16.63 -8.11
CA PHE A 137 -21.78 -15.68 -7.18
C PHE A 137 -22.08 -14.36 -7.90
N SER A 138 -22.91 -13.55 -7.23
CA SER A 138 -23.29 -12.23 -7.71
C SER A 138 -23.05 -11.23 -6.60
N ILE A 139 -22.52 -10.06 -6.95
CA ILE A 139 -22.42 -8.94 -6.01
C ILE A 139 -23.76 -8.21 -6.00
N ILE A 140 -24.37 -8.11 -4.83
CA ILE A 140 -25.70 -7.53 -4.71
C ILE A 140 -25.71 -6.28 -3.84
N GLY A 141 -24.55 -5.75 -3.49
CA GLY A 141 -24.49 -4.52 -2.71
C GLY A 141 -23.08 -4.23 -2.30
N GLY A 142 -22.94 -3.15 -1.52
CA GLY A 142 -21.64 -2.74 -1.03
C GLY A 142 -21.18 -1.44 -1.68
N GLU A 143 -20.03 -0.98 -1.21
CA GLU A 143 -19.41 0.26 -1.65
C GLU A 143 -18.19 -0.11 -2.47
N HIS A 144 -18.33 -0.01 -3.80
CA HIS A 144 -17.32 -0.39 -4.79
C HIS A 144 -17.85 0.05 -6.14
N ARG A 145 -17.09 -0.28 -7.20
CA ARG A 145 -17.43 0.17 -8.54
C ARG A 145 -17.69 -0.99 -9.50
N LEU A 146 -18.00 -2.18 -8.99
CA LEU A 146 -18.28 -3.34 -9.84
C LEU A 146 -19.74 -3.75 -9.69
N ARG A 147 -20.63 -2.87 -10.17
CA ARG A 147 -22.05 -3.08 -9.97
C ARG A 147 -22.56 -4.21 -10.84
N ASN A 148 -23.38 -5.09 -10.25
CA ASN A 148 -23.97 -6.23 -10.95
C ASN A 148 -22.91 -7.21 -11.45
N TYR A 149 -21.79 -7.27 -10.75
CA TYR A 149 -20.78 -8.28 -11.04
C TYR A 149 -21.36 -9.68 -10.86
N ARG A 150 -21.17 -10.54 -11.84
CA ARG A 150 -21.57 -11.94 -11.74
C ARG A 150 -20.42 -12.79 -12.25
N SER A 151 -20.14 -13.89 -11.56
CA SER A 151 -18.91 -14.64 -11.81
C SER A 151 -19.20 -16.14 -11.72
N VAL A 152 -18.50 -16.92 -12.54
CA VAL A 152 -18.60 -18.37 -12.53
C VAL A 152 -17.18 -18.94 -12.51
N THR A 153 -16.97 -19.99 -11.71
CA THR A 153 -15.68 -20.67 -11.62
C THR A 153 -15.94 -22.15 -11.82
N SER A 154 -15.20 -22.77 -12.74
CA SER A 154 -15.34 -24.20 -13.00
C SER A 154 -13.97 -24.87 -12.95
N VAL A 155 -13.95 -26.12 -12.47
CA VAL A 155 -12.73 -26.86 -12.19
C VAL A 155 -12.69 -28.07 -13.12
N HIS A 156 -11.53 -28.32 -13.72
CA HIS A 156 -11.41 -29.33 -14.78
C HIS A 156 -10.14 -30.13 -14.60
N GLY A 157 -10.29 -31.44 -14.40
CA GLY A 157 -9.14 -32.32 -14.22
C GLY A 157 -8.57 -32.81 -15.55
N PHE A 158 -7.25 -32.98 -15.57
CA PHE A 158 -6.55 -33.57 -16.71
C PHE A 158 -5.54 -34.58 -16.22
N ASN A 159 -5.32 -35.60 -17.04
CA ASN A 159 -4.35 -36.65 -16.75
C ASN A 159 -3.68 -37.01 -18.06
N ARG A 160 -2.38 -36.81 -18.15
CA ARG A 160 -1.63 -37.14 -19.36
C ARG A 160 -0.39 -37.93 -18.97
N ASP A 161 -0.41 -39.23 -19.28
CA ASP A 161 0.70 -40.13 -18.99
C ASP A 161 1.05 -40.12 -17.51
N GLY A 162 0.01 -40.23 -16.67
CA GLY A 162 0.18 -40.30 -15.24
C GLY A 162 0.34 -38.98 -14.53
N ALA A 163 0.65 -37.90 -15.24
CA ALA A 163 0.75 -36.58 -14.63
C ALA A 163 -0.63 -35.96 -14.52
N ILE A 164 -0.98 -35.51 -13.31
CA ILE A 164 -2.33 -35.04 -13.00
C ILE A 164 -2.28 -33.55 -12.66
N CYS A 165 -3.08 -32.77 -13.38
CA CYS A 165 -3.18 -31.35 -13.13
C CYS A 165 -4.64 -30.94 -13.24
N THR A 166 -4.88 -29.68 -12.94
CA THR A 166 -6.21 -29.09 -13.00
C THR A 166 -6.10 -27.78 -13.77
N VAL A 167 -7.14 -27.46 -14.53
CA VAL A 167 -7.30 -26.12 -15.09
C VAL A 167 -8.56 -25.51 -14.47
N VAL A 168 -8.43 -24.29 -13.98
CA VAL A 168 -9.58 -23.55 -13.46
C VAL A 168 -9.94 -22.50 -14.50
N LEU A 169 -11.23 -22.40 -14.80
CA LEU A 169 -11.78 -21.35 -15.64
C LEU A 169 -12.58 -20.41 -14.75
N GLU A 170 -12.33 -19.11 -14.86
CA GLU A 170 -13.14 -18.13 -14.16
C GLU A 170 -13.57 -17.08 -15.16
N SER A 171 -14.84 -16.73 -15.13
CA SER A 171 -15.38 -15.67 -15.97
C SER A 171 -16.19 -14.73 -15.10
N TYR A 172 -16.48 -13.56 -15.66
CA TYR A 172 -17.37 -12.60 -15.01
C TYR A 172 -18.05 -11.76 -16.08
N VAL A 173 -19.17 -11.18 -15.70
CA VAL A 173 -19.79 -10.07 -16.41
C VAL A 173 -20.05 -8.99 -15.37
N VAL A 174 -19.94 -7.73 -15.79
CA VAL A 174 -20.11 -6.61 -14.86
C VAL A 174 -20.49 -5.37 -15.64
N ASP A 175 -21.17 -4.44 -14.98
CA ASP A 175 -21.46 -3.13 -15.57
C ASP A 175 -20.19 -2.30 -15.66
N VAL A 176 -20.04 -1.56 -16.76
CA VAL A 176 -18.97 -0.58 -16.90
C VAL A 176 -19.41 0.67 -16.12
N PRO A 177 -18.68 1.06 -15.08
CA PRO A 177 -19.12 2.21 -14.28
C PRO A 177 -19.00 3.51 -15.05
N GLU A 178 -19.87 4.46 -14.70
CA GLU A 178 -19.87 5.77 -15.34
C GLU A 178 -18.49 6.43 -15.22
N GLY A 179 -18.02 7.00 -16.32
CA GLY A 179 -16.72 7.64 -16.35
C GLY A 179 -15.57 6.76 -16.79
N ASN A 180 -15.80 5.45 -16.91
CA ASN A 180 -14.76 4.53 -17.34
C ASN A 180 -15.18 3.84 -18.64
N THR A 181 -14.19 3.23 -19.28
CA THR A 181 -14.40 2.46 -20.49
C THR A 181 -14.45 0.97 -20.18
N GLU A 182 -14.88 0.19 -21.18
CA GLU A 182 -14.86 -1.26 -21.05
C GLU A 182 -13.43 -1.76 -20.86
N GLU A 183 -12.46 -1.15 -21.53
CA GLU A 183 -11.07 -1.58 -21.39
C GLU A 183 -10.57 -1.35 -19.97
N ASP A 184 -10.86 -0.17 -19.41
CA ASP A 184 -10.53 0.10 -18.01
C ASP A 184 -11.12 -0.94 -17.08
N THR A 185 -12.39 -1.27 -17.29
CA THR A 185 -13.07 -2.20 -16.39
C THR A 185 -12.47 -3.59 -16.49
N ARG A 186 -12.25 -4.09 -17.72
CA ARG A 186 -11.66 -5.41 -17.87
C ARG A 186 -10.25 -5.45 -17.29
N LEU A 187 -9.49 -4.38 -17.44
CA LEU A 187 -8.12 -4.36 -16.91
C LEU A 187 -8.14 -4.51 -15.39
N PHE A 188 -9.03 -3.77 -14.71
CA PHE A 188 -9.12 -3.84 -13.26
C PHE A 188 -9.63 -5.22 -12.81
N ALA A 189 -10.78 -5.64 -13.32
CA ALA A 189 -11.34 -6.92 -12.90
C ALA A 189 -10.43 -8.09 -13.29
N ASP A 190 -9.89 -8.06 -14.52
CA ASP A 190 -8.93 -9.09 -14.92
C ASP A 190 -7.74 -9.14 -13.96
N THR A 191 -7.20 -7.97 -13.60
CA THR A 191 -6.06 -7.96 -12.69
C THR A 191 -6.40 -8.66 -11.37
N VAL A 192 -7.56 -8.35 -10.79
CA VAL A 192 -7.92 -8.96 -9.51
C VAL A 192 -8.13 -10.47 -9.67
N VAL A 193 -8.83 -10.90 -10.72
CA VAL A 193 -9.10 -12.34 -10.88
C VAL A 193 -7.81 -13.11 -11.09
N LYS A 194 -6.91 -12.58 -11.95
CA LYS A 194 -5.62 -13.24 -12.16
C LYS A 194 -4.86 -13.39 -10.85
N LEU A 195 -4.81 -12.32 -10.04
CA LEU A 195 -4.11 -12.41 -8.77
C LEU A 195 -4.74 -13.48 -7.88
N ASN A 196 -6.08 -13.55 -7.85
CA ASN A 196 -6.74 -14.55 -7.01
C ASN A 196 -6.45 -15.96 -7.51
N LEU A 197 -6.45 -16.15 -8.83
CA LEU A 197 -6.12 -17.47 -9.35
C LEU A 197 -4.70 -17.88 -8.99
N GLN A 198 -3.77 -16.90 -8.91
CA GLN A 198 -2.41 -17.21 -8.52
C GLN A 198 -2.33 -17.60 -7.05
N LYS A 199 -3.13 -16.96 -6.19
CA LYS A 199 -3.18 -17.41 -4.80
C LYS A 199 -3.75 -18.81 -4.70
N LEU A 200 -4.79 -19.11 -5.48
CA LEU A 200 -5.37 -20.45 -5.49
C LEU A 200 -4.33 -21.51 -5.86
N VAL A 201 -3.46 -21.20 -6.83
CA VAL A 201 -2.34 -22.07 -7.16
C VAL A 201 -1.54 -22.40 -5.90
N SER A 202 -1.08 -21.36 -5.19
CA SER A 202 -0.24 -21.58 -4.02
C SER A 202 -0.97 -22.40 -2.94
N VAL A 203 -2.23 -22.05 -2.68
CA VAL A 203 -2.98 -22.77 -1.65
C VAL A 203 -3.18 -24.23 -2.07
N ALA A 204 -3.54 -24.46 -3.33
CA ALA A 204 -3.83 -25.83 -3.77
C ALA A 204 -2.55 -26.65 -3.87
N GLU A 205 -1.50 -26.10 -4.46
CA GLU A 205 -0.30 -26.90 -4.66
C GLU A 205 0.39 -27.24 -3.33
N SER A 206 0.15 -26.45 -2.29
CA SER A 206 0.76 -26.71 -0.99
C SER A 206 0.00 -27.76 -0.18
N GLN A 207 -1.17 -28.20 -0.64
CA GLN A 207 -1.92 -29.26 0.02
C GLN A 207 -1.56 -30.64 -0.52
N VAL A 208 -0.66 -30.71 -1.49
CA VAL A 208 -0.22 -31.98 -2.05
C VAL A 208 1.21 -32.28 -1.60
N CYS B 8 23.42 20.60 18.77
CA CYS B 8 22.19 20.33 18.04
C CYS B 8 21.22 19.55 18.94
N ILE B 9 20.45 20.28 19.74
CA ILE B 9 19.51 19.68 20.68
C ILE B 9 18.23 19.38 19.90
N PRO B 10 17.79 18.12 19.85
CA PRO B 10 16.63 17.77 19.02
C PRO B 10 15.33 18.20 19.70
N LEU B 11 14.55 19.04 19.02
CA LEU B 11 13.29 19.57 19.53
C LEU B 11 12.17 19.08 18.63
N TRP B 12 11.26 18.27 19.16
CA TRP B 12 10.23 17.68 18.30
C TRP B 12 8.98 17.34 19.11
N GLY B 13 7.87 17.20 18.39
CA GLY B 13 6.65 16.70 19.00
C GLY B 13 5.95 15.83 17.96
N VAL B 14 5.01 15.01 18.43
CA VAL B 14 4.38 14.02 17.55
C VAL B 14 2.94 13.81 17.97
N VAL B 15 2.06 13.58 16.98
CA VAL B 15 0.72 13.05 17.22
C VAL B 15 0.46 12.01 16.14
N SER B 16 -0.11 10.88 16.53
CA SER B 16 -0.39 9.82 15.55
C SER B 16 -1.72 9.21 15.93
N ILE B 17 -2.76 9.51 15.15
CA ILE B 17 -4.11 9.12 15.56
C ILE B 17 -4.77 8.30 14.46
N GLN B 18 -5.67 7.45 14.90
CA GLN B 18 -6.43 6.57 14.02
C GLN B 18 -7.56 7.31 13.33
N GLY B 19 -8.26 8.18 14.07
CA GLY B 19 -9.33 8.92 13.49
C GLY B 19 -10.52 8.04 13.17
N ASN B 20 -11.21 8.38 12.08
CA ASN B 20 -12.45 7.69 11.78
C ASN B 20 -12.24 6.32 11.15
N ARG B 21 -11.01 5.89 10.97
CA ARG B 21 -10.73 4.63 10.27
C ARG B 21 -10.98 3.43 11.19
N SER B 22 -11.37 2.30 10.58
CA SER B 22 -11.57 1.10 11.39
C SER B 22 -10.26 0.51 11.88
N GLU B 23 -9.13 0.82 11.23
CA GLU B 23 -7.82 0.31 11.61
C GLU B 23 -6.80 1.44 11.69
N MET B 24 -5.80 1.26 12.54
CA MET B 24 -4.66 2.15 12.61
C MET B 24 -3.52 1.52 11.81
N GLU B 25 -3.18 2.14 10.68
CA GLU B 25 -2.10 1.63 9.84
C GLU B 25 -0.98 2.65 9.64
N ASP B 26 -1.04 3.80 10.31
CA ASP B 26 0.08 4.74 10.37
C ASP B 26 1.05 4.30 11.45
N ALA B 27 2.33 4.52 11.24
CA ALA B 27 3.35 4.30 12.26
C ALA B 27 4.38 5.41 12.14
N PHE B 28 5.15 5.61 13.20
CA PHE B 28 6.19 6.62 13.14
C PHE B 28 7.33 6.17 14.03
N ALA B 29 8.50 6.76 13.79
CA ALA B 29 9.66 6.47 14.64
C ALA B 29 10.44 7.76 14.86
N VAL B 30 10.87 7.97 16.09
CA VAL B 30 11.78 9.06 16.43
C VAL B 30 12.95 8.46 17.19
N SER B 31 14.16 8.71 16.70
CA SER B 31 15.36 8.20 17.35
C SER B 31 16.38 9.32 17.47
N PRO B 32 16.33 10.08 18.56
CA PRO B 32 17.29 11.18 18.74
C PRO B 32 18.67 10.63 19.04
N HIS B 33 19.69 11.35 18.58
CA HIS B 33 21.07 10.97 18.84
C HIS B 33 21.35 9.57 18.31
N PHE B 34 20.74 9.24 17.17
CA PHE B 34 20.79 7.87 16.69
C PHE B 34 22.12 7.51 16.04
N LEU B 35 22.73 8.43 15.31
CA LEU B 35 23.92 8.08 14.54
C LEU B 35 25.03 9.11 14.74
N LYS B 36 26.26 8.60 14.83
CA LYS B 36 27.46 9.42 14.76
C LYS B 36 27.90 9.39 13.31
N LEU B 37 27.59 10.44 12.58
CA LEU B 37 27.94 10.43 11.17
C LEU B 37 29.35 10.95 10.96
N PRO B 38 30.11 10.33 10.06
CA PRO B 38 31.45 10.87 9.75
C PRO B 38 31.31 12.20 9.01
N ILE B 39 32.14 13.17 9.40
CA ILE B 39 32.06 14.49 8.78
C ILE B 39 32.20 14.38 7.27
N LYS B 40 33.02 13.44 6.80
CA LYS B 40 33.17 13.24 5.36
C LYS B 40 31.82 13.22 4.65
N MET B 41 30.80 12.60 5.24
CA MET B 41 29.52 12.47 4.57
C MET B 41 28.80 13.81 4.44
N LEU B 42 29.05 14.74 5.35
CA LEU B 42 28.39 16.04 5.38
C LEU B 42 29.23 17.14 4.72
N MET B 43 30.51 17.22 5.05
CA MET B 43 31.38 18.26 4.51
C MET B 43 32.81 17.77 4.38
N ALA B 53 36.05 18.09 16.39
CA ALA B 53 35.34 17.72 15.18
C ALA B 53 35.80 16.37 14.68
N THR B 54 34.90 15.38 14.73
CA THR B 54 35.17 14.00 14.36
C THR B 54 33.97 13.45 13.63
N HIS B 55 32.80 13.93 14.04
CA HIS B 55 31.52 13.36 13.67
C HIS B 55 30.46 14.35 14.08
N LEU B 56 29.27 14.18 13.52
CA LEU B 56 28.11 14.94 13.95
C LEU B 56 27.02 13.94 14.32
N THR B 57 26.29 14.26 15.38
CA THR B 57 25.19 13.41 15.83
C THR B 57 23.99 13.66 14.94
N GLY B 58 23.36 12.57 14.48
CA GLY B 58 22.21 12.64 13.59
C GLY B 58 20.97 12.14 14.32
N HIS B 59 19.86 12.85 14.11
CA HIS B 59 18.58 12.50 14.69
C HIS B 59 17.68 11.93 13.60
N PHE B 60 17.06 10.79 13.88
CA PHE B 60 16.24 10.09 12.89
C PHE B 60 14.76 10.32 13.17
N PHE B 61 14.01 10.63 12.10
CA PHE B 61 12.56 10.79 12.15
C PHE B 61 11.94 10.08 10.97
N GLY B 62 10.87 9.32 11.21
CA GLY B 62 10.23 8.58 10.13
C GLY B 62 8.74 8.49 10.34
N VAL B 63 7.98 8.64 9.26
CA VAL B 63 6.54 8.46 9.25
C VAL B 63 6.20 7.44 8.18
N TYR B 64 5.33 6.48 8.50
CA TYR B 64 5.05 5.32 7.65
C TYR B 64 3.53 5.14 7.57
N ASP B 65 2.96 5.36 6.39
CA ASP B 65 1.51 5.29 6.18
C ASP B 65 1.21 3.96 5.50
N GLY B 66 0.74 2.98 6.28
CA GLY B 66 0.50 1.64 5.74
C GLY B 66 -0.78 1.57 4.93
N HIS B 67 -0.81 0.64 3.97
CA HIS B 67 -2.03 0.38 3.23
C HIS B 67 -2.16 -1.13 3.07
N GLY B 68 -3.41 -1.59 3.05
CA GLY B 68 -3.67 -3.02 2.95
C GLY B 68 -3.53 -3.77 4.26
N GLY B 69 -3.14 -3.08 5.32
CA GLY B 69 -2.80 -3.72 6.58
C GLY B 69 -1.79 -2.85 7.29
N HIS B 70 -1.41 -3.30 8.50
CA HIS B 70 -0.53 -2.50 9.34
C HIS B 70 0.87 -3.05 9.48
N LYS B 71 1.13 -4.29 9.02
CA LYS B 71 2.38 -4.94 9.40
C LYS B 71 3.59 -4.35 8.70
N VAL B 72 3.44 -3.83 7.48
CA VAL B 72 4.60 -3.25 6.81
C VAL B 72 4.99 -1.93 7.46
N ALA B 73 4.01 -1.08 7.76
CA ALA B 73 4.35 0.18 8.45
C ALA B 73 4.99 -0.09 9.81
N ASP B 74 4.47 -1.09 10.52
CA ASP B 74 5.04 -1.45 11.81
C ASP B 74 6.45 -1.98 11.66
N TYR B 75 6.73 -2.71 10.59
CA TYR B 75 8.08 -3.22 10.39
C TYR B 75 9.04 -2.09 10.08
N CYS B 76 8.61 -1.14 9.24
CA CYS B 76 9.42 0.04 8.98
C CYS B 76 9.73 0.76 10.28
N ARG B 77 8.73 0.91 11.15
CA ARG B 77 8.94 1.60 12.42
C ARG B 77 9.98 0.90 13.27
N ASP B 78 9.96 -0.43 13.30
CA ASP B 78 10.90 -1.16 14.14
C ASP B 78 12.24 -1.39 13.48
N ARG B 79 12.35 -1.30 12.15
CA ARG B 79 13.53 -1.79 11.45
C ARG B 79 14.29 -0.74 10.64
N LEU B 80 13.60 0.26 10.05
CA LEU B 80 14.21 0.99 8.95
C LEU B 80 15.43 1.79 9.40
N HIS B 81 15.37 2.41 10.58
CA HIS B 81 16.54 3.19 11.01
C HIS B 81 17.73 2.29 11.33
N PHE B 82 17.49 1.06 11.76
CA PHE B 82 18.61 0.14 11.96
C PHE B 82 19.19 -0.31 10.62
N ALA B 83 18.34 -0.50 9.62
CA ALA B 83 18.86 -0.83 8.30
C ALA B 83 19.71 0.34 7.76
N LEU B 84 19.32 1.56 8.09
CA LEU B 84 20.12 2.72 7.70
C LEU B 84 21.46 2.76 8.43
N ALA B 85 21.45 2.52 9.75
CA ALA B 85 22.70 2.49 10.50
C ALA B 85 23.66 1.44 9.97
N GLU B 86 23.13 0.27 9.58
CA GLU B 86 23.99 -0.80 9.03
C GLU B 86 24.59 -0.37 7.70
N GLU B 87 23.82 0.30 6.85
CA GLU B 87 24.35 0.80 5.60
C GLU B 87 25.46 1.82 5.85
N ILE B 88 25.24 2.72 6.81
CA ILE B 88 26.26 3.71 7.15
C ILE B 88 27.46 3.04 7.79
N GLU B 89 27.24 1.97 8.56
CA GLU B 89 28.34 1.22 9.15
C GLU B 89 29.23 0.62 8.07
N ARG B 90 28.64 0.28 6.92
CA ARG B 90 29.38 -0.25 5.78
C ARG B 90 30.06 0.84 4.96
N ILE B 91 29.50 2.05 4.94
CA ILE B 91 30.08 3.15 4.17
C ILE B 91 31.04 3.93 5.06
N LYS B 92 31.71 3.23 5.97
CA LYS B 92 32.72 3.87 6.79
C LYS B 92 33.98 4.18 5.97
N ASP B 93 34.31 3.28 5.05
CA ASP B 93 35.46 3.45 4.17
C ASP B 93 35.22 2.72 2.85
N ARG B 104 28.49 14.65 -0.07
CA ARG B 104 28.07 14.39 -1.44
C ARG B 104 26.62 13.93 -1.53
N GLN B 105 25.86 14.57 -2.41
CA GLN B 105 24.49 14.14 -2.67
C GLN B 105 24.44 12.71 -3.18
N VAL B 106 25.46 12.30 -3.95
CA VAL B 106 25.43 10.98 -4.59
C VAL B 106 25.66 9.86 -3.58
N GLN B 107 26.32 10.15 -2.46
CA GLN B 107 26.50 9.11 -1.45
C GLN B 107 25.24 8.92 -0.62
N TRP B 108 24.52 10.01 -0.32
CA TRP B 108 23.32 9.87 0.49
C TRP B 108 22.19 9.20 -0.29
N ASP B 109 22.07 9.48 -1.59
CA ASP B 109 21.00 8.80 -2.31
C ASP B 109 21.32 7.32 -2.49
N LYS B 110 22.60 6.96 -2.60
CA LYS B 110 22.96 5.54 -2.63
C LYS B 110 22.71 4.87 -1.28
N VAL B 111 23.04 5.56 -0.18
CA VAL B 111 22.81 5.00 1.14
C VAL B 111 21.32 4.76 1.38
N PHE B 112 20.49 5.77 1.10
CA PHE B 112 19.07 5.60 1.37
C PHE B 112 18.41 4.65 0.39
N THR B 113 18.83 4.67 -0.87
CA THR B 113 18.28 3.71 -1.83
C THR B 113 18.57 2.29 -1.39
N SER B 114 19.81 2.02 -0.97
CA SER B 114 20.13 0.67 -0.51
C SER B 114 19.34 0.31 0.74
N CYS B 115 19.12 1.29 1.63
CA CYS B 115 18.39 1.01 2.86
C CYS B 115 16.93 0.69 2.56
N PHE B 116 16.29 1.49 1.71
CA PHE B 116 14.89 1.25 1.37
C PHE B 116 14.73 -0.07 0.62
N LEU B 117 15.65 -0.36 -0.30
CA LEU B 117 15.55 -1.60 -1.05
C LEU B 117 15.77 -2.82 -0.15
N THR B 118 16.67 -2.70 0.82
CA THR B 118 16.87 -3.77 1.79
C THR B 118 15.60 -4.04 2.59
N VAL B 119 14.94 -2.98 3.09
CA VAL B 119 13.73 -3.21 3.88
C VAL B 119 12.63 -3.80 3.01
N ASP B 120 12.46 -3.28 1.79
CA ASP B 120 11.49 -3.85 0.86
C ASP B 120 11.75 -5.34 0.64
N GLY B 121 13.02 -5.69 0.42
CA GLY B 121 13.36 -7.09 0.19
C GLY B 121 13.08 -7.96 1.41
N GLU B 122 13.40 -7.47 2.60
CA GLU B 122 13.08 -8.23 3.81
C GLU B 122 11.57 -8.44 3.95
N ILE B 123 10.79 -7.38 3.72
CA ILE B 123 9.33 -7.49 3.82
C ILE B 123 8.79 -8.54 2.85
N GLU B 124 9.33 -8.55 1.62
CA GLU B 124 8.85 -9.48 0.60
C GLU B 124 9.36 -10.89 0.81
N GLY B 125 10.21 -11.11 1.80
CA GLY B 125 10.74 -12.45 2.02
C GLY B 125 11.82 -12.86 1.05
N LYS B 126 12.51 -11.90 0.43
CA LYS B 126 13.58 -12.21 -0.51
C LYS B 126 14.96 -11.89 0.02
N ILE B 127 15.06 -11.19 1.15
CA ILE B 127 16.31 -10.87 1.83
C ILE B 127 16.20 -11.43 3.25
N GLY B 128 17.25 -12.13 3.69
CA GLY B 128 17.21 -12.73 5.02
C GLY B 128 17.22 -11.67 6.10
N ARG B 129 16.39 -11.88 7.13
CA ARG B 129 16.37 -11.01 8.30
C ARG B 129 16.66 -11.83 9.54
N ALA B 130 17.34 -11.22 10.51
CA ALA B 130 17.79 -11.94 11.70
C ALA B 130 16.74 -11.88 12.82
N ASP B 136 22.44 -16.66 11.98
CA ASP B 136 21.46 -17.21 11.05
C ASP B 136 20.31 -16.21 10.81
N LYS B 137 19.78 -16.23 9.59
CA LYS B 137 18.73 -15.32 9.16
C LYS B 137 17.63 -16.12 8.47
N VAL B 138 16.42 -15.60 8.49
CA VAL B 138 15.27 -16.29 7.92
C VAL B 138 14.74 -15.49 6.74
N LEU B 139 14.30 -16.22 5.70
CA LEU B 139 13.71 -15.63 4.51
C LEU B 139 12.20 -15.84 4.62
N GLU B 140 11.47 -14.83 5.06
CA GLU B 140 10.04 -14.98 5.26
C GLU B 140 9.33 -13.65 5.09
N ALA B 141 8.26 -13.64 4.31
CA ALA B 141 7.51 -12.39 4.13
C ALA B 141 6.99 -11.90 5.47
N VAL B 142 7.06 -10.58 5.67
CA VAL B 142 6.63 -9.96 6.91
C VAL B 142 5.12 -9.82 6.95
N ALA B 143 4.47 -9.76 5.78
CA ALA B 143 3.04 -9.54 5.69
C ALA B 143 2.55 -10.14 4.39
N SER B 144 1.22 -10.10 4.21
CA SER B 144 0.62 -10.58 2.98
C SER B 144 1.14 -9.78 1.78
N GLU B 145 0.89 -10.33 0.61
CA GLU B 145 1.41 -9.80 -0.65
C GLU B 145 0.81 -8.44 -0.99
N THR B 146 -0.31 -8.09 -0.36
CA THR B 146 -1.07 -6.89 -0.71
C THR B 146 -0.85 -5.75 0.29
N VAL B 147 0.10 -5.89 1.20
CA VAL B 147 0.35 -4.90 2.25
C VAL B 147 1.60 -4.10 1.90
N GLY B 148 1.58 -2.81 2.18
CA GLY B 148 2.74 -1.99 1.92
C GLY B 148 2.70 -0.75 2.79
N SER B 149 3.61 0.16 2.53
CA SER B 149 3.59 1.38 3.33
C SER B 149 4.33 2.47 2.57
N THR B 150 3.96 3.72 2.85
CA THR B 150 4.85 4.81 2.48
C THR B 150 6.01 4.86 3.48
N ALA B 151 7.03 5.64 3.12
CA ALA B 151 8.07 5.98 4.07
C ALA B 151 8.57 7.37 3.74
N VAL B 152 8.46 8.30 4.69
CA VAL B 152 9.20 9.54 4.59
C VAL B 152 10.10 9.63 5.82
N VAL B 153 11.39 9.82 5.58
CA VAL B 153 12.39 9.75 6.64
C VAL B 153 13.24 11.00 6.57
N ALA B 154 13.58 11.57 7.73
CA ALA B 154 14.48 12.70 7.76
C ALA B 154 15.62 12.40 8.73
N LEU B 155 16.83 12.68 8.29
CA LEU B 155 17.99 12.75 9.17
C LEU B 155 18.30 14.22 9.38
N VAL B 156 18.45 14.63 10.64
CA VAL B 156 18.75 16.02 10.95
C VAL B 156 20.02 16.08 11.77
N CYS B 157 20.97 16.90 11.33
CA CYS B 157 22.14 17.20 12.13
C CYS B 157 22.35 18.70 12.10
N SER B 158 23.41 19.18 12.78
CA SER B 158 23.52 20.62 12.92
C SER B 158 23.80 21.31 11.59
N SER B 159 24.39 20.60 10.64
CA SER B 159 24.77 21.19 9.36
C SER B 159 23.80 20.91 8.23
N HIS B 160 23.07 19.79 8.23
CA HIS B 160 22.30 19.36 7.07
C HIS B 160 21.01 18.67 7.50
N ILE B 161 20.08 18.62 6.55
CA ILE B 161 18.89 17.77 6.62
C ILE B 161 18.91 16.85 5.41
N VAL B 162 18.71 15.56 5.64
CA VAL B 162 18.60 14.59 4.55
C VAL B 162 17.20 13.99 4.65
N VAL B 163 16.45 14.04 3.54
CA VAL B 163 15.10 13.49 3.50
C VAL B 163 15.07 12.44 2.40
N SER B 164 14.45 11.31 2.71
CA SER B 164 14.32 10.21 1.76
C SER B 164 12.84 9.86 1.73
N ASN B 165 12.24 9.89 0.54
CA ASN B 165 10.80 9.70 0.46
C ASN B 165 10.43 8.62 -0.54
N CYS B 166 9.45 7.81 -0.17
CA CYS B 166 8.89 6.77 -1.03
C CYS B 166 7.38 6.77 -0.76
N GLY B 167 6.59 7.31 -1.68
CA GLY B 167 5.15 7.34 -1.48
C GLY B 167 4.55 8.73 -1.41
N ASP B 168 3.37 8.86 -0.79
CA ASP B 168 2.69 10.14 -0.72
C ASP B 168 2.60 10.70 0.70
N SER B 169 3.43 10.21 1.62
CA SER B 169 3.67 11.03 2.79
C SER B 169 4.63 12.15 2.39
N ARG B 170 4.81 13.14 3.26
CA ARG B 170 5.51 14.33 2.80
C ARG B 170 6.31 14.95 3.94
N ALA B 171 7.46 15.51 3.59
CA ALA B 171 8.27 16.35 4.48
C ALA B 171 8.30 17.76 3.90
N VAL B 172 8.09 18.77 4.75
CA VAL B 172 8.08 20.15 4.29
C VAL B 172 8.93 20.96 5.25
N LEU B 173 9.88 21.70 4.70
CA LEU B 173 10.75 22.59 5.47
C LEU B 173 10.22 24.01 5.38
N PHE B 174 10.18 24.70 6.51
CA PHE B 174 9.80 26.11 6.55
C PHE B 174 11.07 26.91 6.72
N ARG B 175 11.40 27.73 5.73
CA ARG B 175 12.65 28.49 5.71
C ARG B 175 12.31 29.95 5.41
N GLY B 176 12.67 30.83 6.33
CA GLY B 176 12.26 32.22 6.20
C GLY B 176 10.75 32.28 6.27
N LYS B 177 10.12 32.71 5.17
CA LYS B 177 8.67 32.74 5.06
C LYS B 177 8.13 31.78 4.01
N GLU B 178 8.94 30.83 3.57
CA GLU B 178 8.58 29.97 2.44
C GLU B 178 8.55 28.52 2.87
N ALA B 179 7.43 27.84 2.60
CA ALA B 179 7.39 26.39 2.77
C ALA B 179 8.03 25.73 1.56
N MET B 180 8.95 24.82 1.82
CA MET B 180 9.69 24.15 0.75
C MET B 180 9.48 22.65 0.92
N PRO B 181 8.67 22.03 0.07
CA PRO B 181 8.57 20.57 0.13
C PRO B 181 9.93 19.95 -0.14
N LEU B 182 10.29 18.97 0.67
CA LEU B 182 11.53 18.23 0.51
C LEU B 182 11.26 16.86 -0.09
N SER B 183 10.02 16.60 -0.49
CA SER B 183 9.66 15.39 -1.20
C SER B 183 8.56 15.75 -2.18
N VAL B 184 8.42 14.93 -3.23
CA VAL B 184 7.32 15.07 -4.18
C VAL B 184 6.52 13.77 -4.11
N ASP B 185 5.20 13.88 -4.02
CA ASP B 185 4.38 12.68 -3.84
C ASP B 185 4.54 11.74 -5.05
N HIS B 186 4.66 10.44 -4.76
CA HIS B 186 4.73 9.41 -5.79
C HIS B 186 3.32 8.92 -6.14
N LYS B 187 2.66 9.68 -6.98
CA LYS B 187 1.34 9.35 -7.46
C LYS B 187 1.42 8.82 -8.89
N PRO B 188 0.59 7.83 -9.24
CA PRO B 188 0.70 7.22 -10.58
C PRO B 188 0.40 8.15 -11.72
N ASP B 189 -0.27 9.28 -11.49
CA ASP B 189 -0.56 10.21 -12.59
C ASP B 189 0.48 11.31 -12.74
N ARG B 190 1.45 11.38 -11.83
CA ARG B 190 2.61 12.23 -12.03
C ARG B 190 3.26 11.86 -13.37
N GLU B 191 3.52 12.87 -14.21
CA GLU B 191 3.89 12.61 -15.59
C GLU B 191 5.05 11.62 -15.70
N ASP B 192 6.06 11.77 -14.83
CA ASP B 192 7.25 10.93 -14.95
C ASP B 192 7.00 9.53 -14.39
N GLU B 193 6.17 9.43 -13.35
CA GLU B 193 5.84 8.12 -12.80
C GLU B 193 4.91 7.36 -13.73
N TYR B 194 3.96 8.07 -14.36
CA TYR B 194 3.10 7.44 -15.35
C TYR B 194 3.92 6.84 -16.48
N ALA B 195 4.91 7.58 -16.98
CA ALA B 195 5.75 7.08 -18.06
C ALA B 195 6.61 5.91 -17.59
N ARG B 196 7.10 5.97 -16.35
CA ARG B 196 7.92 4.88 -15.83
C ARG B 196 7.12 3.59 -15.69
N ILE B 197 5.90 3.69 -15.15
CA ILE B 197 5.07 2.51 -14.98
C ILE B 197 4.74 1.90 -16.34
N GLU B 198 4.41 2.74 -17.33
CA GLU B 198 4.12 2.23 -18.66
C GLU B 198 5.36 1.62 -19.32
N ASN B 199 6.53 2.24 -19.15
CA ASN B 199 7.73 1.67 -19.74
C ASN B 199 8.13 0.37 -19.06
N ALA B 200 7.69 0.13 -17.83
CA ALA B 200 7.91 -1.15 -17.18
C ALA B 200 6.89 -2.20 -17.57
N GLY B 201 5.91 -1.85 -18.39
CA GLY B 201 4.87 -2.76 -18.82
C GLY B 201 3.56 -2.64 -18.06
N GLY B 202 3.46 -1.68 -17.14
CA GLY B 202 2.28 -1.53 -16.32
C GLY B 202 1.26 -0.59 -16.94
N LYS B 203 0.13 -0.45 -16.25
CA LYS B 203 -0.94 0.43 -16.70
C LYS B 203 -1.43 1.25 -15.51
N VAL B 204 -1.83 2.49 -15.79
CA VAL B 204 -2.46 3.36 -14.80
C VAL B 204 -3.82 3.74 -15.36
N ILE B 205 -4.86 3.58 -14.55
CA ILE B 205 -6.20 3.97 -14.99
C ILE B 205 -6.86 4.80 -13.90
N GLN B 206 -7.82 5.62 -14.34
CA GLN B 206 -8.62 6.43 -13.42
C GLN B 206 -9.75 5.57 -12.88
N TRP B 207 -9.65 5.17 -11.62
CA TRP B 207 -10.58 4.23 -11.00
C TRP B 207 -10.68 4.65 -9.54
N GLN B 208 -11.49 5.68 -9.29
CA GLN B 208 -11.50 6.35 -7.99
C GLN B 208 -10.10 6.90 -7.69
N GLY B 209 -9.64 7.78 -8.57
CA GLY B 209 -8.28 8.25 -8.55
C GLY B 209 -7.39 7.44 -9.50
N ALA B 210 -6.25 8.03 -9.86
CA ALA B 210 -5.29 7.32 -10.68
C ALA B 210 -4.67 6.19 -9.86
N ARG B 211 -4.70 4.97 -10.41
CA ARG B 211 -4.27 3.79 -9.69
C ARG B 211 -3.53 2.85 -10.62
N VAL B 212 -2.48 2.22 -10.09
CA VAL B 212 -1.75 1.19 -10.83
C VAL B 212 -2.66 -0.02 -11.02
N PHE B 213 -2.91 -0.38 -12.29
CA PHE B 213 -3.89 -1.40 -12.68
C PHE B 213 -5.25 -1.18 -12.03
N GLY B 214 -5.58 0.05 -11.68
CA GLY B 214 -6.85 0.32 -11.03
C GLY B 214 -6.90 0.00 -9.56
N VAL B 215 -5.81 -0.51 -8.98
CA VAL B 215 -5.84 -0.97 -7.61
C VAL B 215 -5.22 0.03 -6.65
N LEU B 216 -3.94 0.34 -6.85
CA LEU B 216 -3.14 1.07 -5.87
C LEU B 216 -2.94 2.52 -6.30
N ALA B 217 -3.27 3.46 -5.41
CA ALA B 217 -3.20 4.88 -5.72
C ALA B 217 -1.84 5.49 -5.41
N MET B 218 -0.76 4.70 -5.49
CA MET B 218 0.57 5.29 -5.41
C MET B 218 1.53 4.48 -6.24
N SER B 219 2.60 5.14 -6.66
CA SER B 219 3.51 4.56 -7.63
C SER B 219 4.80 4.05 -7.02
N ARG B 220 5.06 4.34 -5.75
CA ARG B 220 6.22 3.84 -5.03
C ARG B 220 5.83 3.57 -3.59
N SER B 221 6.50 2.57 -3.00
CA SER B 221 6.07 2.08 -1.70
C SER B 221 7.07 1.05 -1.22
N ILE B 222 7.00 0.76 0.07
CA ILE B 222 7.68 -0.38 0.68
C ILE B 222 6.67 -1.51 0.76
N GLY B 223 7.08 -2.73 0.39
CA GLY B 223 6.16 -3.86 0.35
C GLY B 223 5.46 -4.00 -0.99
N ASP B 224 4.15 -4.29 -0.98
CA ASP B 224 3.37 -4.39 -2.22
C ASP B 224 4.00 -5.38 -3.21
N ARG B 225 4.36 -6.55 -2.69
CA ARG B 225 5.00 -7.55 -3.53
C ARG B 225 4.21 -7.84 -4.79
N TYR B 226 2.87 -7.79 -4.73
CA TYR B 226 2.07 -8.17 -5.89
C TYR B 226 2.20 -7.20 -7.06
N LEU B 227 2.71 -5.99 -6.82
CA LEU B 227 2.85 -4.99 -7.89
C LEU B 227 4.31 -4.71 -8.23
N LYS B 228 5.21 -5.59 -7.83
CA LYS B 228 6.56 -5.54 -8.35
C LYS B 228 6.50 -5.96 -9.82
N PRO B 229 7.20 -5.27 -10.74
CA PRO B 229 8.13 -4.15 -10.60
C PRO B 229 7.55 -2.79 -11.02
N TYR B 230 6.24 -2.62 -10.90
CA TYR B 230 5.66 -1.31 -11.21
C TYR B 230 5.72 -0.37 -10.02
N VAL B 231 5.44 -0.87 -8.82
CA VAL B 231 5.46 -0.05 -7.61
C VAL B 231 6.78 -0.34 -6.91
N ILE B 232 7.72 0.59 -7.01
CA ILE B 232 9.11 0.33 -6.62
C ILE B 232 9.41 1.03 -5.31
N PRO B 233 10.40 0.55 -4.53
CA PRO B 233 10.79 1.21 -3.29
C PRO B 233 11.89 2.25 -3.41
N GLU B 234 12.36 2.55 -4.60
CA GLU B 234 13.46 3.50 -4.72
C GLU B 234 13.02 4.89 -4.27
N PRO B 235 13.67 5.49 -3.28
CA PRO B 235 13.23 6.79 -2.78
C PRO B 235 13.78 7.95 -3.60
N GLU B 236 13.13 9.11 -3.44
CA GLU B 236 13.72 10.38 -3.83
C GLU B 236 14.45 10.92 -2.62
N VAL B 237 15.71 11.32 -2.79
CA VAL B 237 16.56 11.72 -1.67
C VAL B 237 16.97 13.17 -1.86
N THR B 238 16.82 13.97 -0.79
CA THR B 238 17.17 15.39 -0.81
C THR B 238 18.21 15.64 0.26
N PHE B 239 19.31 16.28 -0.11
CA PHE B 239 20.41 16.62 0.81
C PHE B 239 20.43 18.14 0.90
N MET B 240 19.96 18.66 2.02
CA MET B 240 19.68 20.10 2.18
C MET B 240 20.60 20.72 3.22
N PRO B 241 21.49 21.64 2.85
CA PRO B 241 22.26 22.37 3.87
C PRO B 241 21.31 23.19 4.74
N ARG B 242 21.64 23.27 6.03
CA ARG B 242 20.79 24.01 6.95
C ARG B 242 21.07 25.50 6.85
N SER B 243 20.10 26.30 7.27
CA SER B 243 20.22 27.75 7.18
C SER B 243 19.75 28.40 8.49
N ARG B 244 20.37 29.52 8.85
CA ARG B 244 19.91 30.23 10.04
C ARG B 244 18.46 30.69 9.90
N GLU B 245 17.93 30.74 8.67
CA GLU B 245 16.54 31.10 8.49
C GLU B 245 15.57 29.93 8.62
N ASP B 246 16.07 28.69 8.77
CA ASP B 246 15.19 27.54 8.97
C ASP B 246 14.32 27.73 10.20
N GLU B 247 13.03 27.43 10.07
CA GLU B 247 12.10 27.55 11.19
C GLU B 247 11.68 26.19 11.73
N CYS B 248 11.13 25.33 10.88
CA CYS B 248 10.69 24.04 11.39
C CYS B 248 10.61 23.08 10.21
N LEU B 249 10.58 21.80 10.54
CA LEU B 249 10.45 20.72 9.56
C LEU B 249 9.29 19.85 9.99
N ILE B 250 8.37 19.55 9.06
CA ILE B 250 7.16 18.79 9.34
C ILE B 250 7.18 17.54 8.47
N LEU B 251 7.10 16.37 9.09
CA LEU B 251 6.82 15.11 8.42
C LEU B 251 5.40 14.69 8.74
N ALA B 252 4.63 14.27 7.72
CA ALA B 252 3.28 13.86 8.05
C ALA B 252 2.77 12.92 6.96
N SER B 253 1.80 12.10 7.33
CA SER B 253 1.05 11.31 6.37
C SER B 253 -0.03 12.16 5.68
N ASP B 254 -0.60 11.62 4.60
CA ASP B 254 -1.55 12.42 3.84
C ASP B 254 -2.86 12.63 4.58
N GLY B 255 -3.07 12.00 5.73
CA GLY B 255 -4.18 12.38 6.58
C GLY B 255 -4.17 13.86 6.93
N LEU B 256 -2.98 14.46 6.96
CA LEU B 256 -2.86 15.91 7.13
C LEU B 256 -2.92 16.62 5.79
N TRP B 257 -2.06 16.23 4.84
CA TRP B 257 -1.88 17.02 3.62
C TRP B 257 -3.11 16.99 2.73
N ASP B 258 -3.94 15.96 2.83
CA ASP B 258 -5.16 15.92 2.03
C ASP B 258 -6.15 17.03 2.38
N VAL B 259 -6.06 17.64 3.56
CA VAL B 259 -7.02 18.68 3.92
C VAL B 259 -6.36 20.04 4.17
N MET B 260 -5.02 20.11 4.16
CA MET B 260 -4.34 21.35 4.51
C MET B 260 -3.17 21.63 3.56
N ASN B 261 -2.96 22.93 3.30
CA ASN B 261 -1.96 23.43 2.37
C ASN B 261 -0.57 23.45 3.03
N ASN B 262 0.48 23.13 2.25
CA ASN B 262 1.86 23.11 2.78
C ASN B 262 2.18 24.37 3.54
N GLN B 263 1.95 25.51 2.90
CA GLN B 263 2.34 26.78 3.49
C GLN B 263 1.56 27.03 4.78
N GLU B 264 0.26 26.75 4.76
CA GLU B 264 -0.53 26.99 5.98
C GLU B 264 -0.06 26.08 7.12
N VAL B 265 0.23 24.81 6.84
CA VAL B 265 0.68 23.88 7.88
C VAL B 265 1.95 24.41 8.56
N CYS B 266 2.93 24.82 7.75
CA CYS B 266 4.20 25.34 8.27
C CYS B 266 3.99 26.58 9.11
N GLU B 267 3.19 27.51 8.62
CA GLU B 267 2.97 28.77 9.32
C GLU B 267 2.27 28.54 10.64
N ILE B 268 1.26 27.66 10.64
CA ILE B 268 0.53 27.34 11.86
C ILE B 268 1.47 26.70 12.87
N ALA B 269 2.34 25.79 12.41
CA ALA B 269 3.25 25.14 13.34
C ALA B 269 4.16 26.17 14.01
N ARG B 270 4.75 27.07 13.21
CA ARG B 270 5.60 28.11 13.77
C ARG B 270 4.82 29.00 14.73
N ARG B 271 3.62 29.41 14.32
CA ARG B 271 2.81 30.29 15.17
C ARG B 271 2.50 29.65 16.52
N ARG B 272 2.18 28.36 16.50
CA ARG B 272 1.85 27.65 17.74
C ARG B 272 3.07 27.46 18.63
N ILE B 273 4.22 27.16 18.02
CA ILE B 273 5.48 27.10 18.76
C ILE B 273 5.76 28.43 19.44
N LEU B 274 5.63 29.54 18.70
CA LEU B 274 5.91 30.85 19.28
C LEU B 274 4.90 31.19 20.38
N MET B 275 3.63 30.83 20.18
CA MET B 275 2.61 31.08 21.20
C MET B 275 2.94 30.35 22.50
N TRP B 276 3.37 29.09 22.41
CA TRP B 276 3.77 28.36 23.61
C TRP B 276 4.92 29.07 24.33
N HIS B 277 5.95 29.48 23.59
CA HIS B 277 7.09 30.14 24.23
C HIS B 277 6.70 31.48 24.83
N LYS B 278 5.83 32.21 24.13
CA LYS B 278 5.35 33.48 24.67
C LYS B 278 4.64 33.29 26.01
N LYS B 279 3.81 32.26 26.11
CA LYS B 279 3.03 32.07 27.33
C LYS B 279 3.81 31.36 28.42
N ASN B 280 4.69 30.43 28.08
CA ASN B 280 5.31 29.58 29.09
C ASN B 280 6.80 29.79 29.26
N GLY B 281 7.46 30.52 28.38
CA GLY B 281 8.90 30.61 28.44
C GLY B 281 9.56 29.36 27.91
N ALA B 282 10.81 29.14 28.31
CA ALA B 282 11.50 27.97 27.83
C ALA B 282 11.84 27.03 28.99
N PRO B 283 11.89 25.71 28.73
CA PRO B 283 12.28 24.78 29.78
C PRO B 283 13.76 24.89 30.08
N PRO B 284 14.23 24.35 31.21
CA PRO B 284 15.67 24.38 31.50
C PRO B 284 16.44 23.55 30.48
N LEU B 285 17.51 24.14 29.93
CA LEU B 285 18.30 23.48 28.90
C LEU B 285 18.86 22.14 29.37
N ALA B 286 18.92 21.88 30.68
CA ALA B 286 19.34 20.56 31.15
C ALA B 286 18.32 19.48 30.82
N GLU B 287 17.09 19.86 30.46
CA GLU B 287 16.04 18.90 30.15
C GLU B 287 15.70 18.84 28.67
N ARG B 288 16.02 19.88 27.90
CA ARG B 288 15.70 19.89 26.48
C ARG B 288 16.48 18.80 25.75
N GLY B 289 15.88 18.28 24.67
CA GLY B 289 16.43 17.14 23.98
C GLY B 289 16.03 15.80 24.58
N LYS B 290 15.43 15.79 25.77
CA LYS B 290 14.95 14.57 26.42
C LYS B 290 13.44 14.49 26.24
N GLY B 291 13.00 13.59 25.37
CA GLY B 291 11.59 13.50 25.10
C GLY B 291 11.09 14.64 24.22
N ILE B 292 9.77 14.80 24.20
CA ILE B 292 9.16 15.78 23.31
C ILE B 292 9.43 17.18 23.84
N ASP B 293 9.45 18.12 22.91
CA ASP B 293 9.50 19.54 23.22
C ASP B 293 8.08 20.06 23.40
N PRO B 294 7.72 20.67 24.54
CA PRO B 294 6.32 21.08 24.73
C PRO B 294 5.78 22.00 23.64
N ALA B 295 6.58 22.96 23.14
CA ALA B 295 6.08 23.84 22.09
C ALA B 295 5.80 23.07 20.80
N CYS B 296 6.70 22.16 20.44
CA CYS B 296 6.47 21.33 19.23
C CYS B 296 5.25 20.44 19.40
N GLN B 297 5.08 19.89 20.60
CA GLN B 297 3.93 19.04 20.87
C GLN B 297 2.63 19.81 20.77
N ALA B 298 2.62 21.07 21.23
CA ALA B 298 1.42 21.89 21.11
C ALA B 298 1.08 22.16 19.65
N ALA B 299 2.11 22.34 18.81
CA ALA B 299 1.91 22.55 17.38
C ALA B 299 1.36 21.28 16.72
N ALA B 300 1.95 20.13 17.04
CA ALA B 300 1.46 18.88 16.47
C ALA B 300 0.02 18.60 16.90
N ASP B 301 -0.28 18.81 18.19
CA ASP B 301 -1.63 18.65 18.69
C ASP B 301 -2.62 19.55 17.95
N TYR B 302 -2.27 20.81 17.78
CA TYR B 302 -3.17 21.74 17.11
C TYR B 302 -3.39 21.34 15.66
N LEU B 303 -2.33 20.93 14.97
CA LEU B 303 -2.47 20.56 13.56
C LEU B 303 -3.36 19.33 13.42
N SER B 304 -3.20 18.36 14.32
CA SER B 304 -4.04 17.16 14.23
C SER B 304 -5.50 17.50 14.50
N MET B 305 -5.75 18.37 15.47
CA MET B 305 -7.12 18.78 15.75
C MET B 305 -7.72 19.53 14.56
N LEU B 306 -6.93 20.39 13.90
CA LEU B 306 -7.43 21.10 12.72
C LEU B 306 -7.77 20.13 11.60
N ALA B 307 -6.91 19.13 11.37
CA ALA B 307 -7.17 18.18 10.29
C ALA B 307 -8.48 17.42 10.53
N LEU B 308 -8.76 17.03 11.78
CA LEU B 308 -10.02 16.38 12.09
C LEU B 308 -11.20 17.34 11.93
N GLN B 309 -11.05 18.56 12.43
CA GLN B 309 -12.09 19.58 12.26
C GLN B 309 -12.38 19.84 10.79
N LYS B 310 -11.38 19.75 9.91
CA LYS B 310 -11.59 19.93 8.48
C LYS B 310 -12.16 18.68 7.81
N GLY B 311 -12.44 17.64 8.58
CA GLY B 311 -13.13 16.48 8.05
C GLY B 311 -12.25 15.37 7.56
N SER B 312 -10.96 15.39 7.88
CA SER B 312 -10.12 14.26 7.52
C SER B 312 -10.65 13.00 8.18
N LYS B 313 -10.95 11.99 7.37
CA LYS B 313 -11.44 10.72 7.88
C LYS B 313 -10.36 9.63 7.87
N ASP B 314 -9.09 10.01 7.72
CA ASP B 314 -7.97 9.07 7.59
C ASP B 314 -7.21 8.98 8.91
N ASN B 315 -6.31 7.99 9.00
CA ASN B 315 -5.23 8.06 9.99
C ASN B 315 -4.42 9.34 9.75
N ILE B 316 -3.97 9.98 10.83
CA ILE B 316 -3.21 11.24 10.74
C ILE B 316 -1.99 11.13 11.64
N SER B 317 -0.80 11.28 11.06
CA SER B 317 0.44 11.21 11.82
C SER B 317 1.29 12.41 11.46
N ILE B 318 1.78 13.12 12.47
CA ILE B 318 2.50 14.38 12.26
C ILE B 318 3.67 14.42 13.22
N ILE B 319 4.88 14.71 12.70
CA ILE B 319 6.04 15.07 13.52
C ILE B 319 6.37 16.53 13.22
N VAL B 320 6.47 17.35 14.26
CA VAL B 320 6.89 18.75 14.14
C VAL B 320 8.26 18.90 14.78
N ILE B 321 9.23 19.42 14.02
CA ILE B 321 10.61 19.56 14.46
C ILE B 321 10.98 21.04 14.42
N ASP B 322 11.32 21.61 15.57
CA ASP B 322 11.73 23.02 15.63
C ASP B 322 13.21 23.11 15.25
N LEU B 323 13.52 23.91 14.22
CA LEU B 323 14.91 24.06 13.78
C LEU B 323 15.61 25.28 14.35
N LYS B 324 14.93 26.08 15.17
CA LYS B 324 15.54 27.25 15.80
C LYS B 324 16.18 26.87 17.13
N ALA B 325 17.44 27.28 17.31
CA ALA B 325 18.12 27.04 18.58
C ALA B 325 17.41 27.76 19.73
N GLN B 326 17.02 29.01 19.51
CA GLN B 326 16.40 29.82 20.54
C GLN B 326 15.26 30.63 19.94
N ARG B 327 14.24 30.89 20.76
CA ARG B 327 13.13 31.73 20.35
C ARG B 327 12.82 32.77 21.43
N LYS B 328 13.83 33.59 21.75
CA LYS B 328 13.68 34.86 22.46
C LYS B 328 12.58 34.87 23.52
N PHE B 329 11.67 35.83 23.40
CA PHE B 329 10.52 35.98 24.28
C PHE B 329 10.92 36.02 25.75
#